data_6L7V
#
_entry.id   6L7V
#
_cell.length_a   67.266
_cell.length_b   67.266
_cell.length_c   76.820
_cell.angle_alpha   90.000
_cell.angle_beta   90.000
_cell.angle_gamma   120.000
#
_symmetry.space_group_name_H-M   'P 32 2 1'
#
loop_
_entity.id
_entity.type
_entity.pdbx_description
1 polymer 'mRNA_triPase domain-containing protein'
2 non-polymer 'MANGANESE (II) ION'
3 non-polymer TRIPHOSPHATE
4 non-polymer 'IODIDE ION'
5 water water
#
_entity_poly.entity_id   1
_entity_poly.type   'polypeptide(L)'
_entity_poly.pdbx_seq_one_letter_code
;GPGSDAEQRAVAKALFDAVNKHLSNPFIEVEMRLGQFKVEEDANFTACVSTEDYERIKTYLMTEMENSSMTRSVTHDVSL
RGWRHTYATDENGNPTRCVSIVRKKRLFVKNIVVPLGAYNLRFAVSTETPGDLRFSGAGPRAGHTRLKDRLSITDGMFRY
DMTQVTEKGVLMHEVEIEGVFSSHEKQLTESWLEELLRRAMRLATLRTN
;
_entity_poly.pdbx_strand_id   A
#
loop_
_chem_comp.id
_chem_comp.type
_chem_comp.name
_chem_comp.formula
3PO non-polymer TRIPHOSPHATE 'H5 O10 P3'
IOD non-polymer 'IODIDE ION' 'I -1'
MN non-polymer 'MANGANESE (II) ION' 'Mn 2'
#
# COMPACT_ATOMS: atom_id res chain seq x y z
N ASP A 5 42.36 3.33 20.59
CA ASP A 5 42.51 2.07 21.29
C ASP A 5 41.14 1.44 21.60
N ALA A 6 41.06 0.72 22.73
CA ALA A 6 39.85 -0.01 23.05
C ALA A 6 38.73 0.92 23.49
N GLU A 7 39.06 1.97 24.26
CA GLU A 7 38.04 2.93 24.67
C GLU A 7 37.48 3.67 23.46
N GLN A 8 38.35 4.10 22.55
CA GLN A 8 37.91 4.76 21.33
C GLN A 8 36.93 3.88 20.54
N ARG A 9 37.19 2.57 20.48
CA ARG A 9 36.29 1.67 19.77
C ARG A 9 34.93 1.58 20.43
N ALA A 10 34.87 1.70 21.77
CA ALA A 10 33.58 1.68 22.45
C ALA A 10 32.79 2.94 22.16
N VAL A 11 33.47 4.08 22.08
CA VAL A 11 32.78 5.33 21.76
C VAL A 11 32.26 5.30 20.33
N ALA A 12 33.11 4.90 19.39
CA ALA A 12 32.73 4.91 17.98
C ALA A 12 31.58 3.95 17.71
N LYS A 13 31.58 2.78 18.37
CA LYS A 13 30.46 1.86 18.22
C LYS A 13 29.17 2.49 18.72
N ALA A 14 29.25 3.22 19.84
CA ALA A 14 28.06 3.90 20.38
C ALA A 14 27.59 5.00 19.44
N LEU A 15 28.52 5.80 18.91
CA LEU A 15 28.15 6.80 17.91
C LEU A 15 27.52 6.15 16.69
N PHE A 16 28.05 5.00 16.28
CA PHE A 16 27.51 4.30 15.11
C PHE A 16 26.10 3.81 15.37
N ASP A 17 25.87 3.22 16.54
CA ASP A 17 24.54 2.71 16.86
C ASP A 17 23.54 3.86 17.02
N ALA A 18 23.98 4.97 17.61
CA ALA A 18 23.07 6.10 17.81
C ALA A 18 22.74 6.77 16.49
N VAL A 19 23.71 6.83 15.56
CA VAL A 19 23.44 7.39 14.25
C VAL A 19 22.38 6.57 13.53
N ASN A 20 22.55 5.25 13.51
CA ASN A 20 21.60 4.38 12.80
C ASN A 20 20.22 4.45 13.43
N LYS A 21 20.15 4.61 14.76
CA LYS A 21 18.86 4.75 15.42
C LYS A 21 18.15 6.03 14.96
N HIS A 22 18.92 7.10 14.74
CA HIS A 22 18.36 8.37 14.29
C HIS A 22 18.12 8.38 12.78
N LEU A 23 18.83 7.54 12.04
CA LEU A 23 18.53 7.38 10.61
C LEU A 23 17.20 6.67 10.41
N SER A 24 17.00 5.56 11.12
CA SER A 24 15.95 4.59 10.87
C SER A 24 16.19 3.95 9.50
N ASN A 25 15.18 3.23 8.98
CA ASN A 25 15.22 2.61 7.66
C ASN A 25 14.13 3.24 6.83
N PRO A 26 14.42 4.31 6.10
CA PRO A 26 13.38 5.03 5.35
C PRO A 26 13.19 4.43 3.98
N PHE A 27 12.04 3.81 3.75
CA PHE A 27 11.77 3.21 2.45
C PHE A 27 10.75 4.06 1.68
N ILE A 28 10.68 3.78 0.39
CA ILE A 28 9.88 4.54 -0.56
C ILE A 28 8.75 3.64 -1.03
N GLU A 29 7.53 4.15 -1.00
CA GLU A 29 6.36 3.40 -1.48
C GLU A 29 5.81 4.07 -2.72
N VAL A 30 5.73 3.30 -3.81
CA VAL A 30 5.14 3.75 -5.06
C VAL A 30 3.85 2.97 -5.25
N GLU A 31 2.72 3.68 -5.41
CA GLU A 31 1.45 3.01 -5.53
C GLU A 31 0.60 3.64 -6.62
N MET A 32 -0.25 2.82 -7.21
CA MET A 32 -1.24 3.23 -8.20
C MET A 32 -2.59 2.79 -7.68
N ARG A 33 -3.46 3.75 -7.35
CA ARG A 33 -4.73 3.47 -6.71
C ARG A 33 -5.89 3.73 -7.66
N LEU A 34 -6.82 2.78 -7.70
CA LEU A 34 -8.03 2.93 -8.49
C LEU A 34 -9.01 3.82 -7.75
N GLY A 35 -9.83 4.54 -8.51
CA GLY A 35 -10.76 5.46 -7.88
C GLY A 35 -11.62 6.15 -8.90
N GLN A 36 -12.42 7.09 -8.39
CA GLN A 36 -13.35 7.85 -9.21
C GLN A 36 -13.30 9.32 -8.78
N PHE A 37 -13.83 10.17 -9.65
CA PHE A 37 -14.11 11.56 -9.30
C PHE A 37 -15.61 11.67 -9.04
N LYS A 38 -15.98 11.98 -7.80
CA LYS A 38 -17.38 12.07 -7.41
C LYS A 38 -17.51 12.78 -6.07
N ALA A 43 -11.95 16.51 -1.97
CA ALA A 43 -13.33 16.13 -2.24
C ALA A 43 -13.57 15.82 -3.72
N ASN A 44 -12.48 15.58 -4.47
CA ASN A 44 -12.65 15.24 -5.87
C ASN A 44 -12.35 13.77 -6.12
N PHE A 45 -11.09 13.36 -5.96
CA PHE A 45 -10.72 11.96 -6.18
C PHE A 45 -11.09 11.14 -4.95
N THR A 46 -11.88 10.10 -5.16
CA THR A 46 -12.22 9.14 -4.12
C THR A 46 -11.62 7.79 -4.49
N ALA A 47 -10.83 7.22 -3.59
CA ALA A 47 -10.07 6.00 -3.87
C ALA A 47 -10.92 4.75 -3.61
N CYS A 48 -12.02 4.63 -4.33
CA CYS A 48 -12.92 3.50 -4.14
C CYS A 48 -13.48 3.04 -5.48
N VAL A 49 -13.81 1.74 -5.52
CA VAL A 49 -14.47 1.13 -6.67
C VAL A 49 -15.80 0.57 -6.18
N SER A 50 -16.67 0.26 -7.13
CA SER A 50 -17.95 -0.34 -6.76
C SER A 50 -17.75 -1.76 -6.24
N THR A 51 -18.71 -2.20 -5.43
CA THR A 51 -18.64 -3.54 -4.84
C THR A 51 -18.53 -4.62 -5.92
N GLU A 52 -19.38 -4.52 -6.95
CA GLU A 52 -19.38 -5.54 -7.99
C GLU A 52 -18.07 -5.54 -8.78
N ASP A 53 -17.55 -4.34 -9.10
CA ASP A 53 -16.25 -4.26 -9.77
C ASP A 53 -15.14 -4.76 -8.86
N TYR A 54 -15.27 -4.57 -7.56
CA TYR A 54 -14.27 -5.05 -6.61
C TYR A 54 -14.18 -6.57 -6.61
N GLU A 55 -15.33 -7.26 -6.54
CA GLU A 55 -15.33 -8.71 -6.54
C GLU A 55 -14.83 -9.28 -7.87
N ARG A 56 -15.02 -8.56 -8.96
CA ARG A 56 -14.54 -9.06 -10.25
C ARG A 56 -13.04 -8.83 -10.41
N ILE A 57 -12.51 -7.75 -9.86
CA ILE A 57 -11.06 -7.58 -9.80
C ILE A 57 -10.45 -8.70 -8.98
N LYS A 58 -11.10 -9.08 -7.88
CA LYS A 58 -10.59 -10.18 -7.08
C LYS A 58 -10.66 -11.49 -7.85
N THR A 59 -11.77 -11.72 -8.55
CA THR A 59 -11.86 -12.90 -9.41
C THR A 59 -10.72 -12.91 -10.42
N TYR A 60 -10.40 -11.74 -10.98
CA TYR A 60 -9.27 -11.65 -11.91
C TYR A 60 -7.96 -12.07 -11.24
N LEU A 61 -7.73 -11.60 -10.03
CA LEU A 61 -6.43 -11.82 -9.38
C LEU A 61 -6.26 -13.26 -8.93
N MET A 62 -7.34 -13.88 -8.43
CA MET A 62 -7.24 -15.29 -8.03
C MET A 62 -7.11 -16.20 -9.23
N THR A 63 -7.74 -15.84 -10.35
CA THR A 63 -7.53 -16.58 -11.59
C THR A 63 -6.10 -16.41 -12.09
N GLU A 64 -5.57 -15.18 -11.99
CA GLU A 64 -4.21 -14.91 -12.43
C GLU A 64 -3.16 -15.51 -11.50
N MET A 65 -3.48 -15.69 -10.22
CA MET A 65 -2.48 -16.10 -9.24
C MET A 65 -1.97 -17.51 -9.55
N GLU A 66 -0.66 -17.70 -9.40
CA GLU A 66 -0.04 -19.00 -9.56
C GLU A 66 0.88 -19.39 -8.42
N ASN A 67 1.18 -18.50 -7.48
CA ASN A 67 2.15 -18.78 -6.42
C ASN A 67 1.49 -19.25 -5.13
N SER A 68 0.18 -19.46 -5.13
CA SER A 68 -0.54 -20.05 -3.99
C SER A 68 -0.22 -19.30 -2.70
N SER A 69 -0.32 -17.97 -2.75
CA SER A 69 0.14 -17.15 -1.64
C SER A 69 -0.74 -15.91 -1.53
N MET A 70 -1.12 -15.57 -0.30
CA MET A 70 -1.83 -14.33 -0.03
C MET A 70 -1.76 -14.05 1.47
N THR A 71 -1.93 -12.78 1.82
CA THR A 71 -1.92 -12.35 3.20
C THR A 71 -3.18 -11.54 3.47
N ARG A 72 -3.92 -11.93 4.50
CA ARG A 72 -5.08 -11.19 4.97
C ARG A 72 -4.78 -10.64 6.35
N SER A 73 -5.29 -9.44 6.63
CA SER A 73 -5.12 -8.84 7.94
C SER A 73 -6.26 -7.87 8.19
N VAL A 74 -6.81 -7.94 9.40
CA VAL A 74 -7.80 -6.98 9.88
C VAL A 74 -7.11 -6.10 10.91
N THR A 75 -6.98 -4.81 10.61
CA THR A 75 -6.29 -3.88 11.50
C THR A 75 -7.19 -2.70 11.82
N HIS A 76 -6.79 -1.96 12.85
CA HIS A 76 -7.43 -0.71 13.25
C HIS A 76 -6.38 0.38 13.21
N ASP A 77 -6.75 1.54 12.65
CA ASP A 77 -5.80 2.61 12.45
C ASP A 77 -6.23 3.85 13.20
N VAL A 78 -5.26 4.71 13.48
CA VAL A 78 -5.48 6.04 14.06
C VAL A 78 -4.18 6.83 13.99
N TRP A 83 1.81 10.47 11.43
CA TRP A 83 1.97 9.33 12.32
C TRP A 83 0.68 8.52 12.40
N ARG A 84 0.75 7.26 11.97
CA ARG A 84 -0.39 6.35 12.08
C ARG A 84 0.00 5.17 12.95
N HIS A 85 -0.89 4.84 13.88
CA HIS A 85 -0.70 3.71 14.79
C HIS A 85 -1.61 2.59 14.33
N THR A 86 -1.02 1.43 14.04
CA THR A 86 -1.77 0.29 13.50
C THR A 86 -1.96 -0.75 14.59
N TYR A 87 -3.21 -1.12 14.83
CA TYR A 87 -3.54 -2.07 15.88
C TYR A 87 -4.06 -3.36 15.27
N ALA A 88 -3.54 -4.48 15.78
CA ALA A 88 -3.95 -5.79 15.32
C ALA A 88 -5.32 -6.15 15.91
N THR A 89 -5.85 -7.30 15.50
CA THR A 89 -7.13 -7.78 15.98
C THR A 89 -7.06 -9.27 16.26
N ASP A 90 -7.89 -9.72 17.19
CA ASP A 90 -7.95 -11.13 17.58
C ASP A 90 -8.98 -11.85 16.71
N GLU A 91 -9.35 -13.07 17.08
CA GLU A 91 -10.23 -13.89 16.27
C GLU A 91 -11.64 -13.33 16.17
N ASN A 92 -12.06 -12.47 17.10
CA ASN A 92 -13.38 -11.88 17.10
C ASN A 92 -13.40 -10.48 16.49
N GLY A 93 -12.26 -9.99 16.01
CA GLY A 93 -12.20 -8.66 15.42
C GLY A 93 -11.87 -7.53 16.38
N ASN A 94 -11.65 -7.83 17.66
CA ASN A 94 -11.32 -6.85 18.68
C ASN A 94 -9.85 -6.46 18.57
N PRO A 95 -9.51 -5.21 18.91
CA PRO A 95 -8.10 -4.80 18.82
C PRO A 95 -7.21 -5.54 19.81
N THR A 96 -5.98 -5.84 19.38
CA THR A 96 -4.96 -6.37 20.26
C THR A 96 -4.06 -5.24 20.73
N ARG A 97 -2.91 -5.07 20.08
CA ARG A 97 -1.99 -3.99 20.40
C ARG A 97 -1.33 -3.48 19.11
N CYS A 98 -0.63 -2.35 19.26
CA CYS A 98 0.17 -1.81 18.16
C CYS A 98 1.19 -2.83 17.70
N VAL A 99 1.22 -3.08 16.39
CA VAL A 99 2.29 -3.85 15.76
C VAL A 99 3.16 -2.99 14.86
N SER A 100 2.83 -1.71 14.69
CA SER A 100 3.66 -0.79 13.91
C SER A 100 3.21 0.64 14.14
N ILE A 101 4.18 1.56 14.06
CA ILE A 101 3.93 3.00 14.10
C ILE A 101 4.75 3.61 12.97
N VAL A 102 4.08 4.34 12.06
CA VAL A 102 4.75 4.82 10.86
C VAL A 102 4.24 6.21 10.49
N ARG A 103 5.16 7.08 10.06
CA ARG A 103 4.83 8.38 9.50
C ARG A 103 4.92 8.30 7.98
N LYS A 104 3.83 8.64 7.31
CA LYS A 104 3.73 8.57 5.84
C LYS A 104 3.64 9.98 5.30
N LYS A 105 4.65 10.40 4.55
CA LYS A 105 4.69 11.71 3.90
C LYS A 105 4.67 11.51 2.39
N ARG A 106 3.63 12.03 1.74
CA ARG A 106 3.47 11.91 0.29
C ARG A 106 4.44 12.87 -0.39
N LEU A 107 5.33 12.34 -1.23
CA LEU A 107 6.29 13.17 -1.94
C LEU A 107 5.78 13.62 -3.30
N PHE A 108 5.06 12.75 -4.00
CA PHE A 108 4.66 13.01 -5.37
C PHE A 108 3.31 12.36 -5.63
N VAL A 109 2.36 13.15 -6.13
CA VAL A 109 1.02 12.67 -6.47
C VAL A 109 0.69 13.13 -7.88
N LYS A 110 0.01 12.29 -8.63
CA LYS A 110 -0.31 12.60 -10.02
C LYS A 110 -1.56 11.82 -10.44
N ASN A 111 -2.49 12.52 -11.09
CA ASN A 111 -3.62 11.85 -11.72
C ASN A 111 -3.19 11.28 -13.08
N ILE A 112 -3.49 10.02 -13.32
CA ILE A 112 -3.21 9.38 -14.59
C ILE A 112 -4.38 9.62 -15.52
N VAL A 113 -4.10 9.93 -16.78
CA VAL A 113 -5.13 9.98 -17.81
C VAL A 113 -5.47 8.55 -18.22
N VAL A 114 -6.72 8.16 -18.01
CA VAL A 114 -7.15 6.79 -18.26
C VAL A 114 -8.07 6.76 -19.48
N PRO A 115 -8.25 5.62 -20.14
CA PRO A 115 -9.25 5.54 -21.22
C PRO A 115 -10.64 5.79 -20.69
N LEU A 116 -11.53 6.20 -21.58
CA LEU A 116 -12.93 6.39 -21.20
C LEU A 116 -13.52 5.07 -20.72
N GLY A 117 -14.43 5.16 -19.74
CA GLY A 117 -15.02 4.01 -19.13
C GLY A 117 -14.17 3.31 -18.08
N ALA A 118 -12.91 3.72 -17.93
CA ALA A 118 -12.02 3.11 -16.96
C ALA A 118 -12.14 3.81 -15.60
N TYR A 119 -11.77 3.08 -14.55
CA TYR A 119 -11.58 3.72 -13.26
C TYR A 119 -10.41 4.69 -13.33
N ASN A 120 -10.52 5.78 -12.59
CA ASN A 120 -9.40 6.71 -12.51
C ASN A 120 -8.24 6.08 -11.74
N LEU A 121 -7.04 6.57 -12.02
CA LEU A 121 -5.83 6.07 -11.40
C LEU A 121 -5.07 7.25 -10.82
N ARG A 122 -4.68 7.15 -9.56
CA ARG A 122 -3.84 8.16 -8.92
C ARG A 122 -2.50 7.52 -8.56
N PHE A 123 -1.42 8.18 -8.96
CA PHE A 123 -0.07 7.70 -8.77
C PHE A 123 0.55 8.44 -7.60
N ALA A 124 1.07 7.71 -6.62
CA ALA A 124 1.53 8.33 -5.38
C ALA A 124 2.83 7.70 -4.91
N VAL A 125 3.78 8.56 -4.54
CA VAL A 125 5.06 8.16 -3.97
C VAL A 125 5.16 8.75 -2.58
N SER A 126 5.48 7.92 -1.60
CA SER A 126 5.51 8.31 -0.20
C SER A 126 6.75 7.78 0.48
N THR A 127 7.22 8.54 1.48
CA THR A 127 8.20 8.06 2.43
C THR A 127 7.48 7.54 3.66
N GLU A 128 7.89 6.37 4.14
CA GLU A 128 7.37 5.80 5.36
C GLU A 128 8.52 5.56 6.32
N THR A 129 8.37 6.01 7.57
CA THR A 129 9.47 5.96 8.52
C THR A 129 8.99 5.40 9.84
N PRO A 130 9.48 4.21 10.23
CA PRO A 130 9.15 3.54 11.49
C PRO A 130 9.35 4.47 12.68
N THR A 145 -10.05 7.55 12.82
CA THR A 145 -9.92 6.10 13.05
C THR A 145 -10.51 5.36 11.85
N ARG A 146 -9.84 4.29 11.42
CA ARG A 146 -10.26 3.51 10.26
C ARG A 146 -10.01 2.04 10.53
N LEU A 147 -10.90 1.21 10.00
CA LEU A 147 -10.80 -0.24 10.13
C LEU A 147 -10.58 -0.84 8.75
N LYS A 148 -9.53 -1.64 8.61
CA LYS A 148 -9.07 -2.13 7.31
C LYS A 148 -9.06 -3.64 7.32
N ASP A 149 -9.85 -4.25 6.42
CA ASP A 149 -9.77 -5.67 6.11
C ASP A 149 -9.10 -5.77 4.76
N ARG A 150 -7.82 -6.14 4.75
CA ARG A 150 -7.00 -6.11 3.55
C ARG A 150 -6.61 -7.51 3.11
N LEU A 151 -6.70 -7.75 1.82
CA LEU A 151 -6.25 -8.99 1.19
C LEU A 151 -5.17 -8.63 0.17
N SER A 152 -3.99 -9.22 0.30
CA SER A 152 -2.85 -8.87 -0.53
C SER A 152 -2.33 -10.08 -1.29
N ILE A 153 -2.07 -9.87 -2.58
CA ILE A 153 -1.51 -10.87 -3.49
C ILE A 153 -0.27 -10.28 -4.14
N THR A 154 0.65 -11.15 -4.53
CA THR A 154 1.85 -10.77 -5.25
C THR A 154 1.90 -11.48 -6.59
N ASP A 155 2.14 -10.71 -7.65
CA ASP A 155 2.30 -11.23 -9.01
C ASP A 155 3.55 -10.60 -9.58
N GLY A 156 4.61 -11.40 -9.74
CA GLY A 156 5.89 -10.84 -10.11
C GLY A 156 6.43 -9.97 -8.99
N MET A 157 6.95 -8.80 -9.36
CA MET A 157 7.47 -7.82 -8.40
C MET A 157 6.44 -6.74 -8.09
N PHE A 158 5.16 -7.12 -8.01
CA PHE A 158 4.09 -6.18 -7.71
C PHE A 158 3.17 -6.77 -6.65
N ARG A 159 2.75 -5.93 -5.71
CA ARG A 159 1.83 -6.32 -4.67
C ARG A 159 0.47 -5.67 -4.94
N TYR A 160 -0.58 -6.49 -4.95
CA TYR A 160 -1.94 -6.02 -5.09
C TYR A 160 -2.61 -6.00 -3.73
N ASP A 161 -3.20 -4.86 -3.36
CA ASP A 161 -3.91 -4.71 -2.10
C ASP A 161 -5.38 -4.46 -2.38
N MET A 162 -6.24 -5.34 -1.87
CA MET A 162 -7.68 -5.18 -1.91
C MET A 162 -8.16 -4.95 -0.48
N THR A 163 -8.64 -3.74 -0.19
CA THR A 163 -9.01 -3.35 1.16
C THR A 163 -10.46 -2.90 1.23
N GLN A 164 -11.19 -3.41 2.21
CA GLN A 164 -12.47 -2.86 2.61
C GLN A 164 -12.22 -1.97 3.81
N VAL A 165 -12.48 -0.67 3.66
CA VAL A 165 -12.16 0.33 4.67
C VAL A 165 -13.46 0.90 5.22
N THR A 166 -13.48 1.15 6.53
CA THR A 166 -14.56 1.88 7.19
C THR A 166 -13.93 2.95 8.06
N GLU A 167 -14.16 4.22 7.70
CA GLU A 167 -13.51 5.34 8.36
C GLU A 167 -14.46 6.30 9.03
N LYS A 168 -15.77 6.21 8.75
CA LYS A 168 -16.74 7.04 9.44
C LYS A 168 -18.13 6.48 9.21
N GLY A 169 -18.30 5.18 9.42
CA GLY A 169 -19.53 4.49 9.10
C GLY A 169 -19.71 4.14 7.64
N VAL A 170 -18.79 4.57 6.77
CA VAL A 170 -18.90 4.36 5.32
C VAL A 170 -17.97 3.24 4.92
N LEU A 171 -18.47 2.32 4.09
CA LEU A 171 -17.68 1.19 3.61
C LEU A 171 -17.12 1.51 2.22
N MET A 172 -15.81 1.43 2.09
CA MET A 172 -15.12 1.72 0.83
C MET A 172 -14.39 0.47 0.36
N HIS A 173 -14.53 0.15 -0.93
CA HIS A 173 -13.80 -0.94 -1.57
C HIS A 173 -12.63 -0.33 -2.32
N GLU A 174 -11.41 -0.62 -1.87
CA GLU A 174 -10.20 0.00 -2.39
C GLU A 174 -9.29 -1.05 -3.02
N VAL A 175 -8.72 -0.70 -4.17
CA VAL A 175 -7.77 -1.54 -4.89
C VAL A 175 -6.56 -0.69 -5.25
N GLU A 176 -5.36 -1.22 -5.01
CA GLU A 176 -4.14 -0.54 -5.41
C GLU A 176 -3.08 -1.58 -5.76
N ILE A 177 -2.15 -1.18 -6.63
CA ILE A 177 -0.93 -1.93 -6.92
C ILE A 177 0.24 -1.11 -6.43
N GLU A 178 1.24 -1.75 -5.85
CA GLU A 178 2.32 -0.99 -5.23
C GLU A 178 3.57 -1.84 -5.09
N GLY A 179 4.67 -1.16 -4.80
CA GLY A 179 5.92 -1.80 -4.40
C GLY A 179 6.67 -0.83 -3.51
N VAL A 180 7.59 -1.38 -2.72
CA VAL A 180 8.37 -0.59 -1.77
C VAL A 180 9.85 -0.74 -2.09
N PHE A 181 10.59 0.36 -1.94
CA PHE A 181 12.00 0.43 -2.29
C PHE A 181 12.77 1.12 -1.17
N SER A 182 14.08 0.89 -1.13
CA SER A 182 14.95 1.53 -0.14
C SER A 182 16.40 1.26 -0.50
N SER A 183 17.28 2.10 0.04
CA SER A 183 18.73 1.99 -0.11
C SER A 183 19.16 1.67 -1.54
N LYS A 186 16.67 -2.95 -3.42
CA LYS A 186 15.47 -2.78 -4.24
C LYS A 186 15.33 -1.33 -4.69
N GLN A 187 15.70 -1.06 -5.93
CA GLN A 187 15.69 0.29 -6.47
C GLN A 187 14.65 0.42 -7.57
N LEU A 188 14.14 1.63 -7.74
CA LEU A 188 13.06 1.90 -8.69
C LEU A 188 13.65 2.12 -10.08
N THR A 189 13.07 1.45 -11.08
CA THR A 189 13.52 1.54 -12.45
C THR A 189 12.35 1.99 -13.33
N GLU A 190 12.68 2.48 -14.53
CA GLU A 190 11.61 2.85 -15.46
C GLU A 190 10.84 1.62 -15.93
N SER A 191 11.52 0.46 -16.01
CA SER A 191 10.84 -0.76 -16.42
C SER A 191 9.76 -1.16 -15.41
N TRP A 192 10.08 -1.11 -14.12
CA TRP A 192 9.08 -1.44 -13.11
C TRP A 192 7.91 -0.47 -13.14
N LEU A 193 8.19 0.82 -13.31
CA LEU A 193 7.11 1.79 -13.43
C LEU A 193 6.24 1.52 -14.66
N GLU A 194 6.89 1.21 -15.79
CA GLU A 194 6.17 0.91 -17.02
C GLU A 194 5.22 -0.26 -16.84
N GLU A 195 5.67 -1.32 -16.16
CA GLU A 195 4.80 -2.47 -15.93
C GLU A 195 3.74 -2.17 -14.88
N LEU A 196 4.06 -1.33 -13.90
CA LEU A 196 3.06 -0.91 -12.91
C LEU A 196 1.88 -0.22 -13.57
N LEU A 197 2.16 0.70 -14.49
CA LEU A 197 1.10 1.37 -15.23
C LEU A 197 0.34 0.39 -16.11
N ARG A 198 1.05 -0.56 -16.72
CA ARG A 198 0.40 -1.59 -17.53
C ARG A 198 -0.55 -2.44 -16.68
N ARG A 199 -0.09 -2.88 -15.51
CA ARG A 199 -0.92 -3.72 -14.65
C ARG A 199 -2.09 -2.94 -14.06
N ALA A 200 -1.88 -1.66 -13.75
CA ALA A 200 -2.96 -0.84 -13.21
C ALA A 200 -4.04 -0.57 -14.25
N MET A 201 -3.63 -0.28 -15.49
CA MET A 201 -4.60 -0.06 -16.56
C MET A 201 -5.45 -1.31 -16.81
N ARG A 202 -4.86 -2.49 -16.61
CA ARG A 202 -5.60 -3.73 -16.77
C ARG A 202 -6.72 -3.84 -15.74
N LEU A 203 -6.44 -3.48 -14.49
CA LEU A 203 -7.50 -3.50 -13.47
C LEU A 203 -8.49 -2.37 -13.71
N ALA A 204 -8.00 -1.19 -14.10
CA ALA A 204 -8.89 -0.04 -14.25
C ALA A 204 -9.93 -0.25 -15.34
N THR A 205 -9.58 -0.97 -16.40
CA THR A 205 -10.47 -1.17 -17.54
C THR A 205 -11.12 -2.54 -17.53
N LEU A 206 -11.09 -3.23 -16.39
CA LEU A 206 -11.49 -4.64 -16.36
C LEU A 206 -12.90 -4.83 -16.92
N ARG A 207 -13.80 -3.90 -16.64
CA ARG A 207 -15.19 -4.11 -17.04
C ARG A 207 -15.40 -3.86 -18.52
N THR A 208 -14.58 -3.00 -19.12
CA THR A 208 -14.67 -2.75 -20.55
C THR A 208 -13.82 -3.75 -21.33
MN MN B . -0.95 1.67 0.29
PG 3PO C . -3.32 5.40 3.22
O1G 3PO C . -2.61 6.13 4.34
O2G 3PO C . -2.44 5.42 1.99
O3G 3PO C . -4.64 6.08 2.91
PB 3PO C . -2.56 2.61 3.16
O1B 3PO C . -2.61 2.54 1.64
O2B 3PO C . -2.96 1.28 3.73
O3B 3PO C . -3.58 3.82 3.64
PA 3PO C . 0.21 1.92 3.47
O1A 3PO C . 1.44 2.36 4.24
O2A 3PO C . 0.56 1.78 2.02
O3A 3PO C . -1.03 2.99 3.64
O5' 3PO C . -0.25 0.59 4.01
I IOD D . -3.20 9.53 -2.73
I IOD E . -1.26 5.24 -20.91
I IOD F . -18.93 3.27 -5.54
I IOD G . 14.71 4.40 -5.00
I IOD H . 9.55 -5.60 -13.70
I IOD I . -5.74 -2.97 -20.53
I IOD J . -6.13 6.41 10.14
#